data_4J82
#
_entry.id   4J82
#
_cell.length_a   49.056
_cell.length_b   48.894
_cell.length_c   76.027
_cell.angle_alpha   88.83
_cell.angle_beta   89.15
_cell.angle_gamma   62.91
#
_symmetry.space_group_name_H-M   'P 1'
#
loop_
_entity.id
_entity.type
_entity.pdbx_description
1 polymer "Coatomer subunit beta'"
2 polymer INSIG2
3 water water
#
loop_
_entity_poly.entity_id
_entity_poly.type
_entity_poly.pdbx_seq_one_letter_code
_entity_poly.pdbx_strand_id
1 'polypeptide(L)'
;MKLDIKKTFSNRSDRVKGIDFHPTEPWVLTTLYSGRVEIWNYETQVEVRSIQVTETPVRAGKFIARKNWIIVGSDDFRIR
VFNYNTGEKVVDFEAHPDYIRSIAVHPTKPYVLSGSDDLTVKLWNWENNWALEQTFEGHEHFVMCVAFNPKDPSTFASGC
LDRTVKVWSLGQSTPNFTLTTGQERGVNYVDYYPLPDKPYMITASDDLTIKIWDYQTKSCVATLEGHMSNVSFAVFHPTL
PIIISGSEDGTLKIWNSSTYKVEKTLNVGLERSWCIATHPTGRKNYIASGFDNGFTVLSLG
;
A,B
2 'polypeptide(L)' KSHQE C,D
#
# COMPACT_ATOMS: atom_id res chain seq x y z
N LYS A 2 -30.36 14.81 2.64
CA LYS A 2 -30.56 13.79 3.67
C LYS A 2 -29.25 13.08 3.99
N LEU A 3 -28.86 13.11 5.26
CA LEU A 3 -27.64 12.43 5.69
C LEU A 3 -27.77 10.93 5.47
N ASP A 4 -27.13 10.46 4.40
CA ASP A 4 -27.16 9.06 4.01
C ASP A 4 -25.74 8.60 3.72
N ILE A 5 -25.00 8.31 4.79
CA ILE A 5 -23.56 8.04 4.69
C ILE A 5 -23.23 6.69 4.05
N LYS A 6 -22.43 6.71 2.99
CA LYS A 6 -22.04 5.49 2.29
C LYS A 6 -20.52 5.40 2.14
N LYS A 7 -19.97 4.21 2.33
CA LYS A 7 -18.52 4.02 2.16
C LYS A 7 -18.20 3.85 0.68
N THR A 8 -17.46 4.82 0.14
CA THR A 8 -17.08 4.81 -1.26
C THR A 8 -15.88 3.89 -1.49
N PHE A 9 -14.86 4.03 -0.64
CA PHE A 9 -13.64 3.22 -0.74
C PHE A 9 -12.81 3.32 0.53
N SER A 10 -12.38 2.18 1.05
CA SER A 10 -11.41 2.15 2.14
C SER A 10 -10.32 1.13 1.84
N ASN A 11 -9.08 1.47 2.18
CA ASN A 11 -7.99 0.52 2.06
C ASN A 11 -7.09 0.63 3.27
N ARG A 12 -6.35 -0.43 3.54
CA ARG A 12 -5.46 -0.44 4.70
C ARG A 12 -4.05 -0.02 4.30
N SER A 13 -3.38 0.66 5.22
CA SER A 13 -2.00 1.11 5.02
C SER A 13 -1.37 1.42 6.37
N ASP A 14 -0.10 1.82 6.35
CA ASP A 14 0.51 2.36 7.55
C ASP A 14 -0.20 3.67 7.89
N ARG A 15 0.00 4.13 9.11
CA ARG A 15 -0.69 5.32 9.62
C ARG A 15 -0.69 6.51 8.66
N VAL A 16 -1.86 7.01 8.29
CA VAL A 16 -1.88 8.15 7.37
C VAL A 16 -2.08 9.46 8.11
N LYS A 17 -1.13 10.37 7.90
CA LYS A 17 -1.02 11.62 8.67
C LYS A 17 -1.57 12.80 7.89
N GLY A 18 -1.56 12.70 6.57
CA GLY A 18 -2.05 13.76 5.72
C GLY A 18 -2.97 13.22 4.64
N ILE A 19 -3.95 14.03 4.22
CA ILE A 19 -4.91 13.64 3.21
C ILE A 19 -5.48 14.85 2.44
N ASP A 20 -5.79 14.66 1.16
CA ASP A 20 -6.28 15.74 0.30
C ASP A 20 -7.04 15.22 -0.93
N PHE A 21 -8.08 15.94 -1.35
CA PHE A 21 -8.82 15.58 -2.57
C PHE A 21 -8.32 16.34 -3.79
N HIS A 22 -8.21 15.65 -4.91
CA HIS A 22 -8.02 16.34 -6.18
C HIS A 22 -9.37 16.94 -6.59
N PRO A 23 -9.35 18.16 -7.15
CA PRO A 23 -10.59 18.86 -7.49
C PRO A 23 -11.31 18.42 -8.77
N THR A 24 -10.64 17.68 -9.66
CA THR A 24 -11.22 17.32 -10.95
C THR A 24 -11.04 15.85 -11.34
N GLU A 25 -10.25 15.13 -10.56
CA GLU A 25 -10.10 13.70 -10.74
C GLU A 25 -10.55 13.02 -9.46
N PRO A 26 -11.18 11.83 -9.58
CA PRO A 26 -11.65 11.14 -8.37
C PRO A 26 -10.49 10.55 -7.59
N TRP A 27 -9.54 11.39 -7.19
CA TRP A 27 -8.34 10.97 -6.51
C TRP A 27 -8.25 11.53 -5.11
N VAL A 28 -7.69 10.73 -4.22
CA VAL A 28 -7.35 11.18 -2.88
C VAL A 28 -5.86 10.90 -2.67
N LEU A 29 -5.17 11.87 -2.08
CA LEU A 29 -3.76 11.74 -1.73
C LEU A 29 -3.64 11.38 -0.25
N THR A 30 -2.85 10.37 0.07
CA THR A 30 -2.52 10.08 1.46
C THR A 30 -1.02 10.17 1.69
N THR A 31 -0.62 10.71 2.84
CA THR A 31 0.79 10.75 3.20
C THR A 31 0.99 9.99 4.50
N LEU A 32 1.95 9.06 4.53
CA LEU A 32 2.03 8.09 5.62
C LEU A 32 3.18 8.30 6.59
N TYR A 33 3.03 7.75 7.78
CA TYR A 33 4.06 7.80 8.82
C TYR A 33 5.32 7.05 8.37
N SER A 34 5.17 6.18 7.37
CA SER A 34 6.28 5.37 6.87
C SER A 34 7.16 6.06 5.84
N GLY A 35 6.79 7.26 5.43
CA GLY A 35 7.56 7.99 4.44
C GLY A 35 6.98 7.84 3.04
N ARG A 36 5.91 7.06 2.95
CA ARG A 36 5.27 6.79 1.67
C ARG A 36 4.07 7.72 1.43
N VAL A 37 3.82 8.04 0.17
CA VAL A 37 2.60 8.75 -0.22
C VAL A 37 1.88 7.96 -1.32
N GLU A 38 0.55 7.95 -1.26
CA GLU A 38 -0.24 7.24 -2.24
C GLU A 38 -1.33 8.14 -2.83
N ILE A 39 -1.56 8.01 -4.13
CA ILE A 39 -2.70 8.66 -4.77
C ILE A 39 -3.63 7.57 -5.27
N TRP A 40 -4.82 7.47 -4.68
CA TRP A 40 -5.79 6.46 -5.05
C TRP A 40 -6.95 7.05 -5.85
N ASN A 41 -7.37 6.32 -6.88
CA ASN A 41 -8.64 6.60 -7.52
C ASN A 41 -9.69 5.86 -6.69
N TYR A 42 -10.48 6.61 -5.94
CA TYR A 42 -11.42 5.99 -4.99
C TYR A 42 -12.67 5.41 -5.63
N GLU A 43 -12.84 5.63 -6.93
CA GLU A 43 -14.00 5.08 -7.61
C GLU A 43 -13.68 3.78 -8.33
N THR A 44 -12.49 3.69 -8.93
CA THR A 44 -12.07 2.45 -9.59
C THR A 44 -11.35 1.56 -8.60
N GLN A 45 -10.94 2.15 -7.47
CA GLN A 45 -10.24 1.43 -6.41
C GLN A 45 -8.91 0.89 -6.92
N VAL A 46 -8.22 1.73 -7.67
CA VAL A 46 -6.89 1.42 -8.21
C VAL A 46 -5.91 2.55 -7.88
N GLU A 47 -4.68 2.16 -7.51
CA GLU A 47 -3.64 3.13 -7.19
C GLU A 47 -3.16 3.81 -8.46
N VAL A 48 -3.16 5.14 -8.48
CA VAL A 48 -2.74 5.86 -9.68
C VAL A 48 -1.24 6.16 -9.67
N ARG A 49 -0.70 6.51 -8.50
CA ARG A 49 0.73 6.67 -8.31
C ARG A 49 1.08 6.62 -6.84
N SER A 50 2.24 6.05 -6.52
CA SER A 50 2.77 6.09 -5.16
C SER A 50 4.28 6.33 -5.18
N ILE A 51 4.79 6.92 -4.11
CA ILE A 51 6.19 7.26 -3.99
C ILE A 51 6.67 6.97 -2.57
N GLN A 52 7.82 6.31 -2.45
CA GLN A 52 8.51 6.24 -1.18
C GLN A 52 9.37 7.49 -1.12
N VAL A 53 8.88 8.51 -0.42
CA VAL A 53 9.50 9.84 -0.47
C VAL A 53 10.73 9.93 0.43
N THR A 54 10.63 9.30 1.59
CA THR A 54 11.66 9.37 2.62
C THR A 54 11.46 8.22 3.60
N GLU A 55 12.29 8.15 4.63
CA GLU A 55 12.15 7.12 5.66
C GLU A 55 11.38 7.62 6.89
N THR A 56 11.20 8.94 6.97
CA THR A 56 10.57 9.59 8.11
C THR A 56 9.10 9.84 7.82
N PRO A 57 8.29 10.10 8.86
CA PRO A 57 6.88 10.43 8.61
C PRO A 57 6.69 11.61 7.67
N VAL A 58 5.69 11.50 6.80
CA VAL A 58 5.27 12.61 5.94
C VAL A 58 3.93 13.07 6.48
N ARG A 59 3.93 14.17 7.23
CA ARG A 59 2.74 14.62 7.95
C ARG A 59 1.81 15.50 7.12
N ALA A 60 2.32 16.10 6.05
CA ALA A 60 1.53 17.06 5.28
C ALA A 60 1.58 16.80 3.78
N GLY A 61 0.44 16.92 3.11
CA GLY A 61 0.35 16.71 1.68
C GLY A 61 -0.86 17.36 1.04
N LYS A 62 -0.63 18.11 -0.04
CA LYS A 62 -1.69 18.79 -0.78
C LYS A 62 -1.50 18.63 -2.28
N PHE A 63 -2.59 18.58 -3.03
CA PHE A 63 -2.51 18.74 -4.48
C PHE A 63 -2.32 20.23 -4.80
N ILE A 64 -1.54 20.48 -5.85
CA ILE A 64 -1.55 21.78 -6.52
C ILE A 64 -2.01 21.48 -7.94
N ALA A 65 -3.33 21.42 -8.12
CA ALA A 65 -3.94 20.97 -9.37
C ALA A 65 -3.50 21.84 -10.55
N ARG A 66 -3.44 23.14 -10.27
CA ARG A 66 -2.89 24.18 -11.13
C ARG A 66 -1.69 23.72 -11.95
N LYS A 67 -0.78 23.01 -11.28
CA LYS A 67 0.53 22.74 -11.84
C LYS A 67 0.79 21.24 -12.06
N ASN A 68 -0.24 20.43 -11.82
CA ASN A 68 -0.12 18.97 -11.85
C ASN A 68 0.90 18.46 -10.84
N TRP A 69 0.88 19.06 -9.64
CA TRP A 69 1.81 18.71 -8.58
C TRP A 69 1.13 18.14 -7.34
N ILE A 70 1.89 17.39 -6.56
CA ILE A 70 1.62 17.25 -5.13
C ILE A 70 2.79 17.88 -4.39
N ILE A 71 2.51 18.47 -3.22
CA ILE A 71 3.54 18.99 -2.35
C ILE A 71 3.46 18.31 -0.99
N VAL A 72 4.60 17.85 -0.49
CA VAL A 72 4.62 17.10 0.76
C VAL A 72 5.70 17.60 1.73
N GLY A 73 5.45 17.43 3.02
CA GLY A 73 6.41 17.85 4.03
C GLY A 73 6.64 16.76 5.06
N SER A 74 7.90 16.57 5.47
CA SER A 74 8.24 15.42 6.30
C SER A 74 9.12 15.73 7.51
N ASP A 75 9.27 14.75 8.40
CA ASP A 75 10.05 14.90 9.62
C ASP A 75 11.55 15.05 9.38
N ASP A 76 11.98 14.74 8.15
CA ASP A 76 13.38 14.95 7.76
C ASP A 76 13.68 16.41 7.40
N PHE A 77 12.70 17.28 7.66
CA PHE A 77 12.80 18.74 7.58
C PHE A 77 12.53 19.31 6.20
N ARG A 78 12.16 18.44 5.26
CA ARG A 78 12.17 18.82 3.85
C ARG A 78 10.80 18.97 3.21
N ILE A 79 10.68 19.96 2.32
CA ILE A 79 9.54 20.07 1.43
C ILE A 79 9.90 19.52 0.04
N ARG A 80 9.08 18.61 -0.47
CA ARG A 80 9.29 18.08 -1.80
C ARG A 80 8.04 18.23 -2.67
N VAL A 81 8.24 18.46 -3.96
CA VAL A 81 7.16 18.61 -4.92
C VAL A 81 7.37 17.61 -6.04
N PHE A 82 6.31 16.88 -6.40
CA PHE A 82 6.38 15.90 -7.48
C PHE A 82 5.29 16.19 -8.52
N ASN A 83 5.59 15.91 -9.79
CA ASN A 83 4.56 15.92 -10.81
C ASN A 83 3.80 14.59 -10.73
N TYR A 84 2.49 14.63 -10.52
CA TYR A 84 1.75 13.38 -10.34
C TYR A 84 1.50 12.61 -11.64
N ASN A 85 1.73 13.25 -12.78
CA ASN A 85 1.57 12.58 -14.08
C ASN A 85 2.78 11.75 -14.45
N THR A 86 3.96 12.19 -14.04
CA THR A 86 5.21 11.55 -14.42
C THR A 86 5.95 10.93 -13.23
N GLY A 87 5.63 11.39 -12.04
CA GLY A 87 6.34 10.97 -10.84
C GLY A 87 7.65 11.70 -10.64
N GLU A 88 7.99 12.61 -11.55
CA GLU A 88 9.24 13.35 -11.49
C GLU A 88 9.31 14.27 -10.29
N LYS A 89 10.45 14.31 -9.62
CA LYS A 89 10.62 15.28 -8.53
C LYS A 89 10.94 16.67 -9.08
N VAL A 90 10.14 17.65 -8.65
CA VAL A 90 10.22 19.03 -9.15
C VAL A 90 11.19 19.87 -8.32
N VAL A 91 11.09 19.78 -7.00
CA VAL A 91 11.98 20.50 -6.11
C VAL A 91 12.10 19.73 -4.78
N ASP A 92 13.18 19.97 -4.05
CA ASP A 92 13.45 19.27 -2.81
C ASP A 92 14.36 20.18 -1.97
N PHE A 93 13.81 20.75 -0.90
CA PHE A 93 14.60 21.67 -0.08
C PHE A 93 14.34 21.56 1.42
N GLU A 94 15.34 21.92 2.23
CA GLU A 94 15.09 21.99 3.66
C GLU A 94 14.32 23.25 3.99
N ALA A 95 13.14 23.09 4.58
CA ALA A 95 12.24 24.20 4.85
C ALA A 95 12.35 24.72 6.27
N HIS A 96 12.56 23.82 7.22
CA HIS A 96 12.60 24.17 8.63
C HIS A 96 13.66 23.29 9.29
N PRO A 97 14.23 23.74 10.43
CA PRO A 97 15.17 22.86 11.14
C PRO A 97 14.46 21.89 12.09
N ASP A 98 13.19 21.57 11.81
CA ASP A 98 12.41 20.68 12.67
C ASP A 98 11.21 20.16 11.88
N TYR A 99 10.35 19.36 12.52
CA TYR A 99 9.22 18.71 11.83
C TYR A 99 8.31 19.69 11.10
N ILE A 100 7.82 19.28 9.93
CA ILE A 100 6.78 20.03 9.24
C ILE A 100 5.43 19.39 9.57
N ARG A 101 4.50 20.19 10.09
CA ARG A 101 3.23 19.67 10.56
C ARG A 101 2.09 19.88 9.58
N SER A 102 2.21 20.90 8.74
CA SER A 102 1.06 21.37 7.96
C SER A 102 1.50 22.21 6.77
N ILE A 103 0.81 22.03 5.64
CA ILE A 103 1.07 22.80 4.43
C ILE A 103 -0.25 23.34 3.87
N ALA A 104 -0.26 24.61 3.49
CA ALA A 104 -1.45 25.19 2.84
C ALA A 104 -1.05 25.83 1.52
N VAL A 105 -1.93 25.72 0.52
CA VAL A 105 -1.67 26.26 -0.81
C VAL A 105 -2.63 27.43 -1.11
N HIS A 106 -2.06 28.57 -1.54
CA HIS A 106 -2.86 29.72 -1.94
C HIS A 106 -3.69 29.39 -3.18
N PRO A 107 -4.97 29.82 -3.22
CA PRO A 107 -5.88 29.48 -4.31
C PRO A 107 -5.62 30.16 -5.66
N THR A 108 -5.00 31.33 -5.68
CA THR A 108 -4.78 32.03 -6.94
C THR A 108 -3.33 32.49 -7.16
N LYS A 109 -2.56 32.57 -6.08
CA LYS A 109 -1.18 33.00 -6.16
C LYS A 109 -0.23 31.84 -5.93
N PRO A 110 1.00 31.93 -6.46
CA PRO A 110 1.97 30.82 -6.35
C PRO A 110 2.62 30.74 -4.97
N TYR A 111 1.81 30.76 -3.91
CA TYR A 111 2.31 30.73 -2.54
C TYR A 111 1.94 29.43 -1.81
N VAL A 112 2.87 28.93 -1.01
CA VAL A 112 2.63 27.82 -0.11
C VAL A 112 3.04 28.23 1.31
N LEU A 113 2.24 27.84 2.31
CA LEU A 113 2.62 28.04 3.70
C LEU A 113 3.00 26.71 4.33
N SER A 114 4.04 26.71 5.16
CA SER A 114 4.37 25.53 5.97
C SER A 114 4.44 25.91 7.45
N GLY A 115 3.85 25.06 8.29
CA GLY A 115 3.87 25.24 9.74
C GLY A 115 4.76 24.17 10.35
N SER A 116 5.53 24.55 11.37
CA SER A 116 6.59 23.70 11.86
C SER A 116 6.78 23.70 13.37
N ASP A 117 7.40 22.63 13.86
CA ASP A 117 7.86 22.54 15.25
C ASP A 117 8.94 23.57 15.59
N ASP A 118 9.47 24.27 14.59
CA ASP A 118 10.46 25.31 14.83
C ASP A 118 9.83 26.63 15.26
N LEU A 119 8.51 26.57 15.52
CA LEU A 119 7.71 27.67 16.10
C LEU A 119 7.24 28.69 15.07
N THR A 120 7.46 28.41 13.79
CA THR A 120 7.20 29.37 12.72
C THR A 120 6.26 28.87 11.64
N VAL A 121 5.75 29.82 10.86
CA VAL A 121 5.12 29.56 9.58
C VAL A 121 6.00 30.23 8.53
N LYS A 122 6.21 29.57 7.39
CA LYS A 122 6.99 30.14 6.31
C LYS A 122 6.21 30.19 5.00
N LEU A 123 6.47 31.22 4.20
CA LEU A 123 5.81 31.43 2.92
C LEU A 123 6.81 31.24 1.79
N TRP A 124 6.53 30.30 0.89
CA TRP A 124 7.40 30.01 -0.25
C TRP A 124 6.72 30.42 -1.57
N ASN A 125 7.50 30.96 -2.50
CA ASN A 125 6.98 31.44 -3.78
C ASN A 125 7.53 30.63 -4.95
N TRP A 126 6.68 29.83 -5.60
CA TRP A 126 7.16 28.93 -6.65
C TRP A 126 7.48 29.61 -7.98
N GLU A 127 7.02 30.85 -8.14
CA GLU A 127 7.36 31.64 -9.34
C GLU A 127 8.64 32.46 -9.11
N ASN A 128 9.20 32.31 -7.92
CA ASN A 128 10.50 32.90 -7.59
C ASN A 128 11.44 31.80 -7.09
N ASN A 129 11.43 30.66 -7.80
CA ASN A 129 12.32 29.53 -7.49
C ASN A 129 12.17 28.97 -6.08
N TRP A 130 10.94 28.99 -5.57
CA TRP A 130 10.63 28.49 -4.22
C TRP A 130 11.39 29.26 -3.15
N ALA A 131 11.65 30.54 -3.40
CA ALA A 131 12.35 31.38 -2.44
C ALA A 131 11.50 31.54 -1.18
N LEU A 132 12.18 31.65 -0.04
CA LEU A 132 11.51 31.99 1.21
C LEU A 132 11.20 33.48 1.19
N GLU A 133 9.92 33.82 1.15
CA GLU A 133 9.56 35.23 1.05
C GLU A 133 9.17 35.85 2.38
N GLN A 134 8.75 35.03 3.34
CA GLN A 134 8.42 35.54 4.66
C GLN A 134 8.43 34.45 5.73
N THR A 135 8.90 34.83 6.92
CA THR A 135 8.82 33.98 8.09
C THR A 135 7.95 34.67 9.15
N PHE A 136 6.93 33.95 9.62
CA PHE A 136 6.02 34.52 10.62
C PHE A 136 6.37 33.98 12.00
N GLU A 137 6.86 34.86 12.87
CA GLU A 137 7.35 34.48 14.17
C GLU A 137 6.45 35.05 15.26
N GLY A 138 6.30 34.32 16.35
CA GLY A 138 5.43 34.75 17.44
C GLY A 138 4.91 33.59 18.27
N HIS A 139 4.69 32.44 17.63
CA HIS A 139 4.22 31.28 18.36
C HIS A 139 5.28 30.74 19.31
N GLU A 140 4.84 30.00 20.32
CA GLU A 140 5.75 29.57 21.39
C GLU A 140 5.76 28.06 21.56
N HIS A 141 5.12 27.35 20.64
CA HIS A 141 5.17 25.89 20.63
C HIS A 141 4.96 25.47 19.19
N PHE A 142 4.85 24.16 18.97
CA PHE A 142 4.76 23.60 17.63
C PHE A 142 3.54 24.19 16.93
N VAL A 143 3.69 24.74 15.74
CA VAL A 143 2.47 25.16 15.04
C VAL A 143 1.94 23.96 14.22
N MET A 144 0.72 23.57 14.53
CA MET A 144 0.19 22.27 14.13
C MET A 144 -0.63 22.34 12.84
N CYS A 145 -1.10 23.53 12.48
CA CYS A 145 -2.05 23.68 11.39
C CYS A 145 -2.00 25.08 10.79
N VAL A 146 -1.96 25.18 9.47
CA VAL A 146 -2.08 26.46 8.76
C VAL A 146 -3.20 26.39 7.73
N ALA A 147 -3.94 27.48 7.58
CA ALA A 147 -5.06 27.55 6.65
C ALA A 147 -5.32 28.98 6.18
N PHE A 148 -5.41 29.16 4.87
CA PHE A 148 -5.83 30.44 4.31
C PHE A 148 -7.31 30.68 4.57
N ASN A 149 -7.68 31.94 4.75
CA ASN A 149 -9.09 32.31 4.77
C ASN A 149 -9.57 32.23 3.33
N PRO A 150 -10.52 31.32 3.04
CA PRO A 150 -10.94 31.21 1.63
C PRO A 150 -11.65 32.47 1.12
N LYS A 151 -12.21 33.25 2.04
CA LYS A 151 -12.93 34.47 1.66
C LYS A 151 -11.97 35.65 1.50
N ASP A 152 -10.75 35.49 2.02
CA ASP A 152 -9.71 36.50 1.89
C ASP A 152 -8.35 35.87 2.09
N PRO A 153 -7.80 35.29 1.02
CA PRO A 153 -6.53 34.55 1.16
C PRO A 153 -5.28 35.43 1.28
N SER A 154 -5.45 36.72 1.52
CA SER A 154 -4.31 37.55 1.88
C SER A 154 -4.10 37.41 3.38
N THR A 155 -4.99 36.67 4.03
CA THR A 155 -4.85 36.33 5.44
C THR A 155 -4.91 34.83 5.66
N PHE A 156 -4.37 34.38 6.79
CA PHE A 156 -4.39 32.96 7.12
C PHE A 156 -4.28 32.77 8.61
N ALA A 157 -4.60 31.56 9.08
CA ALA A 157 -4.56 31.22 10.50
C ALA A 157 -3.57 30.10 10.78
N SER A 158 -2.90 30.20 11.93
CA SER A 158 -2.07 29.14 12.45
C SER A 158 -2.59 28.66 13.81
N GLY A 159 -2.70 27.35 13.98
CA GLY A 159 -3.09 26.77 15.25
C GLY A 159 -1.88 26.13 15.89
N CYS A 160 -1.72 26.34 17.19
CA CYS A 160 -0.46 26.04 17.85
C CYS A 160 -0.64 25.40 19.23
N LEU A 161 0.33 24.57 19.62
CA LEU A 161 0.28 23.92 20.93
C LEU A 161 0.45 24.90 22.09
N ASP A 162 0.76 26.15 21.78
CA ASP A 162 0.86 27.21 22.79
C ASP A 162 -0.52 27.75 23.21
N ARG A 163 -1.56 27.05 22.76
CA ARG A 163 -2.95 27.28 23.14
C ARG A 163 -3.60 28.47 22.43
N THR A 164 -2.95 28.97 21.39
CA THR A 164 -3.50 30.10 20.64
C THR A 164 -3.70 29.79 19.16
N VAL A 165 -4.56 30.60 18.53
CA VAL A 165 -4.60 30.72 17.08
C VAL A 165 -4.13 32.12 16.74
N LYS A 166 -3.23 32.24 15.78
CA LYS A 166 -2.84 33.56 15.29
C LYS A 166 -3.31 33.77 13.86
N VAL A 167 -3.83 34.96 13.57
CA VAL A 167 -4.27 35.30 12.22
C VAL A 167 -3.37 36.40 11.67
N TRP A 168 -2.87 36.18 10.46
CA TRP A 168 -1.80 36.99 9.89
C TRP A 168 -2.20 37.55 8.53
N SER A 169 -1.53 38.62 8.11
CA SER A 169 -1.65 39.14 6.75
C SER A 169 -0.34 38.93 6.01
N LEU A 170 -0.42 38.45 4.77
CA LEU A 170 0.76 38.37 3.91
C LEU A 170 1.38 39.75 3.81
N GLY A 171 2.71 39.81 3.94
CA GLY A 171 3.41 41.08 3.88
C GLY A 171 3.56 41.80 5.22
N GLN A 172 3.02 41.22 6.29
CA GLN A 172 3.12 41.86 7.62
C GLN A 172 3.68 40.90 8.68
N SER A 173 4.50 41.42 9.59
CA SER A 173 5.31 40.59 10.49
C SER A 173 4.66 40.15 11.79
N THR A 174 3.59 40.82 12.21
CA THR A 174 2.91 40.46 13.44
C THR A 174 1.49 40.02 13.14
N PRO A 175 0.89 39.23 14.05
CA PRO A 175 -0.48 38.78 13.81
C PRO A 175 -1.46 39.95 13.83
N ASN A 176 -2.51 39.86 13.03
CA ASN A 176 -3.59 40.84 13.10
C ASN A 176 -4.30 40.71 14.44
N PHE A 177 -4.41 39.48 14.92
CA PHE A 177 -4.90 39.19 16.26
C PHE A 177 -4.46 37.80 16.73
N THR A 178 -4.43 37.63 18.04
CA THR A 178 -4.20 36.33 18.65
C THR A 178 -5.42 35.90 19.46
N LEU A 179 -5.91 34.69 19.18
CA LEU A 179 -7.05 34.13 19.92
C LEU A 179 -6.53 33.26 21.04
N THR A 180 -6.84 33.63 22.27
CA THR A 180 -6.52 32.80 23.43
C THR A 180 -7.68 31.83 23.64
N THR A 181 -7.48 30.57 23.25
CA THR A 181 -8.59 29.64 23.13
C THR A 181 -9.15 29.05 24.43
N GLY A 182 -8.34 29.01 25.47
CA GLY A 182 -8.76 28.36 26.71
C GLY A 182 -8.70 26.84 26.58
N GLN A 183 -8.12 26.37 25.47
CA GLN A 183 -7.92 24.93 25.29
C GLN A 183 -6.51 24.62 25.75
N GLU A 184 -6.39 24.24 27.02
CA GLU A 184 -5.12 24.33 27.74
C GLU A 184 -4.09 23.26 27.36
N ARG A 185 -4.52 22.28 26.58
CA ARG A 185 -3.58 21.29 26.06
C ARG A 185 -3.18 21.60 24.62
N GLY A 186 -3.56 22.78 24.15
CA GLY A 186 -3.08 23.29 22.88
C GLY A 186 -4.11 23.22 21.78
N VAL A 187 -3.73 23.70 20.59
CA VAL A 187 -4.59 23.64 19.41
C VAL A 187 -3.92 22.78 18.35
N ASN A 188 -4.62 21.72 17.93
CA ASN A 188 -4.11 20.80 16.91
C ASN A 188 -4.53 21.18 15.49
N TYR A 189 -5.60 21.97 15.40
CA TYR A 189 -6.23 22.21 14.10
C TYR A 189 -7.02 23.51 14.11
N VAL A 190 -7.02 24.19 12.97
CA VAL A 190 -7.85 25.38 12.76
C VAL A 190 -8.40 25.38 11.33
N ASP A 191 -9.66 25.76 11.19
CA ASP A 191 -10.35 25.77 9.90
C ASP A 191 -11.30 26.96 9.83
N TYR A 192 -11.55 27.46 8.63
CA TYR A 192 -12.51 28.54 8.42
C TYR A 192 -13.82 28.02 7.87
N TYR A 193 -14.92 28.60 8.32
CA TYR A 193 -16.20 28.43 7.67
C TYR A 193 -16.11 29.12 6.30
N PRO A 194 -16.43 28.39 5.22
CA PRO A 194 -16.14 28.93 3.88
C PRO A 194 -17.14 29.96 3.33
N LEU A 195 -18.33 30.05 3.92
CA LEU A 195 -19.37 30.92 3.37
C LEU A 195 -19.41 32.32 4.01
N PRO A 196 -19.86 33.33 3.25
CA PRO A 196 -19.79 34.74 3.69
C PRO A 196 -20.79 35.17 4.78
N ASP A 197 -21.70 34.30 5.20
CA ASP A 197 -22.71 34.72 6.20
C ASP A 197 -22.20 34.70 7.65
N LYS A 198 -21.13 33.98 7.91
CA LYS A 198 -20.57 33.91 9.27
C LYS A 198 -19.06 34.08 9.24
N PRO A 199 -18.52 34.92 10.13
CA PRO A 199 -17.08 35.06 10.26
C PRO A 199 -16.56 34.03 11.26
N TYR A 200 -16.69 32.76 10.93
CA TYR A 200 -16.41 31.69 11.89
C TYR A 200 -15.09 30.95 11.63
N MET A 201 -14.41 30.59 12.71
CA MET A 201 -13.29 29.67 12.67
C MET A 201 -13.58 28.55 13.67
N ILE A 202 -12.86 27.44 13.53
CA ILE A 202 -13.07 26.28 14.40
C ILE A 202 -11.74 25.68 14.84
N THR A 203 -11.62 25.32 16.12
CA THR A 203 -10.39 24.74 16.68
C THR A 203 -10.63 23.42 17.41
N ALA A 204 -9.64 22.53 17.35
CA ALA A 204 -9.70 21.21 17.97
C ALA A 204 -8.50 21.03 18.89
N SER A 205 -8.69 20.35 20.02
CA SER A 205 -7.65 20.27 21.06
C SER A 205 -7.50 18.89 21.70
N ASP A 206 -6.31 18.63 22.25
CA ASP A 206 -6.08 17.46 23.12
C ASP A 206 -6.93 17.50 24.40
N ASP A 207 -7.53 18.65 24.71
CA ASP A 207 -8.35 18.75 25.92
C ASP A 207 -9.78 18.23 25.69
N LEU A 208 -9.97 17.58 24.54
CA LEU A 208 -11.21 16.90 24.15
C LEU A 208 -12.31 17.84 23.66
N THR A 209 -12.00 19.13 23.51
CA THR A 209 -13.02 20.08 23.06
C THR A 209 -12.81 20.56 21.63
N ILE A 210 -13.91 21.02 21.05
CA ILE A 210 -13.90 21.73 19.77
C ILE A 210 -14.58 23.07 20.04
N LYS A 211 -13.99 24.15 19.55
CA LYS A 211 -14.56 25.48 19.79
C LYS A 211 -14.80 26.25 18.51
N ILE A 212 -15.90 26.99 18.47
CA ILE A 212 -16.25 27.81 17.31
C ILE A 212 -15.97 29.25 17.69
N TRP A 213 -15.38 30.02 16.77
CA TRP A 213 -15.02 31.42 17.07
C TRP A 213 -15.57 32.41 16.06
N ASP A 214 -15.97 33.58 16.55
CA ASP A 214 -16.29 34.71 15.69
C ASP A 214 -15.01 35.53 15.57
N TYR A 215 -14.42 35.58 14.37
CA TYR A 215 -13.11 36.21 14.22
C TYR A 215 -13.15 37.73 14.19
N GLN A 216 -14.35 38.29 14.16
CA GLN A 216 -14.49 39.74 14.22
C GLN A 216 -14.54 40.23 15.67
N THR A 217 -15.27 39.52 16.53
CA THR A 217 -15.35 39.88 17.94
C THR A 217 -14.38 39.10 18.84
N LYS A 218 -13.76 38.06 18.30
CA LYS A 218 -12.86 37.15 19.03
C LYS A 218 -13.58 36.30 20.10
N SER A 219 -14.91 36.22 20.03
CA SER A 219 -15.70 35.49 21.02
C SER A 219 -15.85 34.02 20.68
N CYS A 220 -15.90 33.17 21.71
CA CYS A 220 -16.30 31.77 21.53
C CYS A 220 -17.82 31.68 21.40
N VAL A 221 -18.27 31.19 20.26
CA VAL A 221 -19.70 31.01 19.97
C VAL A 221 -20.23 29.73 20.58
N ALA A 222 -19.45 28.65 20.52
CA ALA A 222 -19.89 27.36 21.05
C ALA A 222 -18.71 26.45 21.38
N THR A 223 -18.94 25.52 22.30
CA THR A 223 -17.96 24.51 22.65
C THR A 223 -18.60 23.13 22.45
N LEU A 224 -17.97 22.31 21.62
CA LEU A 224 -18.54 21.03 21.26
C LEU A 224 -17.83 19.91 22.03
N GLU A 225 -18.58 19.24 22.91
CA GLU A 225 -18.04 18.15 23.72
C GLU A 225 -18.66 16.83 23.31
N GLY A 226 -17.86 15.77 23.32
CA GLY A 226 -18.35 14.45 23.00
C GLY A 226 -17.22 13.46 22.80
N HIS A 227 -16.10 13.93 22.28
CA HIS A 227 -14.97 13.03 22.07
C HIS A 227 -14.36 12.61 23.40
N MET A 228 -13.77 11.41 23.41
CA MET A 228 -13.24 10.85 24.64
C MET A 228 -11.71 10.79 24.66
N SER A 229 -11.09 11.15 23.54
CA SER A 229 -9.64 11.29 23.47
C SER A 229 -9.28 12.47 22.57
N ASN A 230 -7.99 12.74 22.42
CA ASN A 230 -7.51 13.90 21.64
C ASN A 230 -8.27 14.13 20.33
N VAL A 231 -8.74 15.35 20.12
CA VAL A 231 -9.42 15.68 18.88
C VAL A 231 -8.38 16.16 17.86
N SER A 232 -8.24 15.40 16.78
CA SER A 232 -7.19 15.64 15.78
C SER A 232 -7.55 16.76 14.80
N PHE A 233 -8.84 16.90 14.51
CA PHE A 233 -9.30 17.92 13.59
C PHE A 233 -10.80 18.20 13.76
N ALA A 234 -11.22 19.36 13.30
CA ALA A 234 -12.64 19.71 13.17
C ALA A 234 -12.74 20.69 12.02
N VAL A 235 -13.69 20.45 11.11
CA VAL A 235 -13.85 21.31 9.93
C VAL A 235 -15.32 21.59 9.62
N PHE A 236 -15.59 22.74 9.02
CA PHE A 236 -16.90 23.01 8.48
C PHE A 236 -17.01 22.34 7.11
N HIS A 237 -18.12 21.69 6.82
CA HIS A 237 -18.32 21.16 5.49
C HIS A 237 -18.65 22.33 4.56
N PRO A 238 -18.11 22.31 3.33
CA PRO A 238 -18.23 23.46 2.41
C PRO A 238 -19.66 23.75 1.93
N THR A 239 -20.52 22.74 1.91
CA THR A 239 -21.87 22.89 1.34
C THR A 239 -22.99 22.44 2.28
N LEU A 240 -22.71 21.44 3.11
CA LEU A 240 -23.71 20.90 4.03
C LEU A 240 -23.61 21.60 5.38
N PRO A 241 -24.77 21.87 6.00
CA PRO A 241 -24.80 22.54 7.30
C PRO A 241 -24.32 21.64 8.44
N ILE A 242 -23.07 21.18 8.37
CA ILE A 242 -22.52 20.28 9.38
C ILE A 242 -21.06 20.57 9.71
N ILE A 243 -20.62 20.05 10.86
CA ILE A 243 -19.21 20.05 11.23
C ILE A 243 -18.74 18.60 11.33
N ILE A 244 -17.50 18.35 10.91
CA ILE A 244 -16.92 17.01 10.95
C ILE A 244 -15.64 17.01 11.77
N SER A 245 -15.56 16.12 12.75
CA SER A 245 -14.36 16.01 13.58
C SER A 245 -13.89 14.56 13.65
N GLY A 246 -12.64 14.37 14.05
CA GLY A 246 -12.05 13.05 14.20
C GLY A 246 -11.11 13.05 15.38
N SER A 247 -11.00 11.91 16.04
CA SER A 247 -10.35 11.83 17.34
C SER A 247 -9.52 10.57 17.50
N GLU A 248 -8.58 10.60 18.43
CA GLU A 248 -7.82 9.41 18.80
C GLU A 248 -8.71 8.40 19.54
N ASP A 249 -9.95 8.78 19.82
CA ASP A 249 -10.91 7.81 20.34
C ASP A 249 -11.40 6.89 19.22
N GLY A 250 -10.95 7.16 18.00
CA GLY A 250 -11.20 6.30 16.86
C GLY A 250 -12.49 6.60 16.12
N THR A 251 -13.15 7.69 16.49
CA THR A 251 -14.42 8.04 15.86
C THR A 251 -14.35 9.28 14.99
N LEU A 252 -15.25 9.34 14.01
CA LEU A 252 -15.61 10.57 13.32
C LEU A 252 -16.96 11.00 13.90
N LYS A 253 -17.14 12.30 14.10
CA LYS A 253 -18.44 12.81 14.53
C LYS A 253 -18.94 13.87 13.55
N ILE A 254 -20.23 13.79 13.26
CA ILE A 254 -20.91 14.78 12.43
C ILE A 254 -21.80 15.59 13.36
N TRP A 255 -21.56 16.91 13.41
CA TRP A 255 -22.35 17.79 14.28
C TRP A 255 -23.22 18.72 13.44
N ASN A 256 -24.43 18.99 13.91
CA ASN A 256 -25.29 20.00 13.30
C ASN A 256 -24.63 21.37 13.48
N SER A 257 -24.42 22.12 12.40
CA SER A 257 -23.70 23.39 12.50
C SER A 257 -24.55 24.56 13.01
N SER A 258 -25.84 24.31 13.24
CA SER A 258 -26.74 25.34 13.77
C SER A 258 -26.95 25.19 15.28
N THR A 259 -27.21 23.96 15.72
CA THR A 259 -27.50 23.66 17.11
C THR A 259 -26.26 23.19 17.85
N TYR A 260 -25.26 22.77 17.08
CA TYR A 260 -23.98 22.25 17.58
C TYR A 260 -24.11 20.94 18.35
N LYS A 261 -25.18 20.20 18.05
CA LYS A 261 -25.40 18.89 18.65
C LYS A 261 -24.87 17.80 17.71
N VAL A 262 -24.38 16.70 18.28
CA VAL A 262 -23.94 15.56 17.47
C VAL A 262 -25.12 14.96 16.71
N GLU A 263 -24.93 14.74 15.42
CA GLU A 263 -25.94 14.08 14.59
C GLU A 263 -25.58 12.61 14.40
N LYS A 264 -24.28 12.31 14.34
CA LYS A 264 -23.84 10.94 14.09
C LYS A 264 -22.41 10.70 14.56
N THR A 265 -22.19 9.53 15.19
CA THR A 265 -20.84 9.09 15.55
C THR A 265 -20.49 7.83 14.76
N LEU A 266 -19.34 7.83 14.09
CA LEU A 266 -18.90 6.69 13.28
C LEU A 266 -17.62 6.10 13.83
N ASN A 267 -17.58 4.77 14.01
CA ASN A 267 -16.31 4.09 14.19
C ASN A 267 -16.02 3.27 12.95
N VAL A 268 -15.14 3.77 12.09
CA VAL A 268 -14.89 3.12 10.80
C VAL A 268 -13.93 1.93 10.93
N GLY A 269 -13.41 1.71 12.14
CA GLY A 269 -12.67 0.49 12.46
C GLY A 269 -11.20 0.50 12.05
N LEU A 270 -10.60 1.68 12.00
CA LEU A 270 -9.21 1.83 11.57
C LEU A 270 -8.36 2.47 12.64
N GLU A 271 -8.85 2.39 13.88
CA GLU A 271 -8.20 2.96 15.06
C GLU A 271 -8.23 4.49 15.04
N ARG A 272 -7.16 5.10 15.53
CA ARG A 272 -7.12 6.55 15.75
C ARG A 272 -7.21 7.36 14.46
N SER A 273 -7.97 8.44 14.49
CA SER A 273 -8.16 9.31 13.32
C SER A 273 -7.18 10.48 13.44
N TRP A 274 -6.52 10.81 12.33
CA TRP A 274 -5.48 11.84 12.34
C TRP A 274 -5.73 13.03 11.41
N CYS A 275 -6.43 12.82 10.31
CA CYS A 275 -6.54 13.86 9.30
C CYS A 275 -7.84 13.80 8.52
N ILE A 276 -8.15 14.88 7.82
CA ILE A 276 -9.43 15.07 7.15
C ILE A 276 -9.27 15.86 5.86
N ALA A 277 -10.16 15.59 4.91
CA ALA A 277 -10.27 16.36 3.69
C ALA A 277 -11.73 16.37 3.27
N THR A 278 -12.15 17.48 2.66
CA THR A 278 -13.49 17.55 2.10
C THR A 278 -13.35 17.90 0.63
N HIS A 279 -14.21 17.34 -0.21
CA HIS A 279 -14.07 17.60 -1.64
C HIS A 279 -14.34 19.06 -1.92
N PRO A 280 -13.37 19.74 -2.57
CA PRO A 280 -13.41 21.19 -2.77
C PRO A 280 -14.72 21.74 -3.37
N THR A 281 -15.34 20.98 -4.27
CA THR A 281 -16.60 21.43 -4.88
C THR A 281 -17.83 20.71 -4.31
N GLY A 282 -17.60 19.83 -3.33
CA GLY A 282 -18.69 19.09 -2.70
C GLY A 282 -19.25 17.95 -3.52
N ARG A 283 -18.49 17.48 -4.49
CA ARG A 283 -18.92 16.38 -5.36
C ARG A 283 -19.31 15.14 -4.54
N LYS A 284 -20.55 14.67 -4.76
CA LYS A 284 -21.12 13.56 -4.01
C LYS A 284 -20.96 13.72 -2.50
N ASN A 285 -20.84 14.97 -2.05
CA ASN A 285 -20.54 15.29 -0.67
C ASN A 285 -19.42 14.42 -0.10
N TYR A 286 -18.37 14.23 -0.89
CA TYR A 286 -17.26 13.38 -0.49
C TYR A 286 -16.45 13.96 0.68
N ILE A 287 -16.15 13.11 1.65
CA ILE A 287 -15.12 13.42 2.64
C ILE A 287 -14.17 12.22 2.75
N ALA A 288 -12.97 12.46 3.29
CA ALA A 288 -12.00 11.39 3.47
C ALA A 288 -11.23 11.64 4.76
N SER A 289 -10.93 10.56 5.48
CA SER A 289 -10.15 10.69 6.71
C SER A 289 -9.05 9.63 6.76
N GLY A 290 -7.92 9.99 7.38
CA GLY A 290 -6.79 9.08 7.50
C GLY A 290 -6.63 8.60 8.93
N PHE A 291 -6.27 7.32 9.09
CA PHE A 291 -6.27 6.68 10.40
C PHE A 291 -4.99 5.90 10.65
N ASP A 292 -4.82 5.39 11.88
CA ASP A 292 -3.74 4.47 12.20
C ASP A 292 -3.57 3.35 11.18
N ASN A 293 -4.69 2.80 10.70
CA ASN A 293 -4.63 1.59 9.88
C ASN A 293 -5.05 1.77 8.41
N GLY A 294 -5.17 3.01 7.95
CA GLY A 294 -5.56 3.24 6.57
C GLY A 294 -6.42 4.47 6.40
N PHE A 295 -7.20 4.51 5.32
CA PHE A 295 -8.07 5.65 5.05
C PHE A 295 -9.44 5.22 4.60
N THR A 296 -10.42 6.11 4.72
CA THR A 296 -11.72 5.86 4.14
C THR A 296 -12.24 7.10 3.43
N VAL A 297 -12.96 6.87 2.33
CA VAL A 297 -13.60 7.92 1.57
C VAL A 297 -15.10 7.71 1.67
N LEU A 298 -15.82 8.70 2.18
CA LEU A 298 -17.25 8.55 2.42
C LEU A 298 -18.06 9.55 1.63
N SER A 299 -19.23 9.11 1.18
CA SER A 299 -20.21 10.01 0.59
C SER A 299 -21.27 10.26 1.66
N LEU A 300 -21.48 11.53 1.99
CA LEU A 300 -22.36 11.90 3.09
C LEU A 300 -23.84 11.96 2.71
N GLY A 301 -24.11 12.12 1.41
CA GLY A 301 -25.49 12.21 0.97
C GLY A 301 -25.63 12.27 -0.54
N LYS B 2 -15.40 -30.17 3.98
CA LYS B 2 -16.51 -29.32 3.56
C LYS B 2 -16.01 -27.97 3.09
N LEU B 3 -16.07 -27.75 1.77
CA LEU B 3 -15.66 -26.47 1.19
C LEU B 3 -16.55 -25.36 1.71
N ASP B 4 -15.97 -24.49 2.53
CA ASP B 4 -16.68 -23.35 3.10
C ASP B 4 -15.77 -22.14 3.00
N ILE B 5 -15.72 -21.55 1.81
CA ILE B 5 -14.73 -20.51 1.52
C ILE B 5 -15.04 -19.16 2.18
N LYS B 6 -14.10 -18.70 3.00
CA LYS B 6 -14.25 -17.44 3.72
C LYS B 6 -13.12 -16.48 3.40
N LYS B 7 -13.46 -15.22 3.21
CA LYS B 7 -12.46 -14.17 3.01
C LYS B 7 -11.83 -13.79 4.35
N THR B 8 -10.57 -14.15 4.53
CA THR B 8 -9.85 -13.88 5.76
C THR B 8 -9.35 -12.44 5.79
N PHE B 9 -8.66 -12.05 4.72
CA PHE B 9 -8.18 -10.69 4.58
C PHE B 9 -7.84 -10.38 3.14
N SER B 10 -8.27 -9.21 2.68
CA SER B 10 -7.92 -8.73 1.35
C SER B 10 -7.57 -7.26 1.44
N ASN B 11 -6.58 -6.84 0.68
CA ASN B 11 -6.24 -5.42 0.62
C ASN B 11 -5.80 -5.08 -0.79
N ARG B 12 -5.97 -3.84 -1.20
CA ARG B 12 -5.58 -3.47 -2.54
C ARG B 12 -4.15 -2.92 -2.59
N SER B 13 -3.51 -3.07 -3.74
CA SER B 13 -2.16 -2.60 -3.96
C SER B 13 -1.87 -2.58 -5.46
N ASP B 14 -0.66 -2.23 -5.83
CA ASP B 14 -0.23 -2.40 -7.21
C ASP B 14 -0.13 -3.89 -7.49
N ARG B 15 0.03 -4.23 -8.77
CA ARG B 15 -0.02 -5.63 -9.23
C ARG B 15 0.90 -6.56 -8.45
N VAL B 16 0.33 -7.64 -7.93
CA VAL B 16 1.09 -8.56 -7.08
C VAL B 16 1.60 -9.71 -7.95
N LYS B 17 2.92 -9.83 -8.07
CA LYS B 17 3.56 -10.80 -8.96
C LYS B 17 4.06 -12.04 -8.21
N GLY B 18 4.42 -11.87 -6.95
CA GLY B 18 4.84 -12.97 -6.09
C GLY B 18 4.14 -12.94 -4.74
N ILE B 19 4.01 -14.12 -4.14
CA ILE B 19 3.29 -14.26 -2.87
C ILE B 19 3.75 -15.50 -2.12
N ASP B 20 3.78 -15.43 -0.79
CA ASP B 20 4.26 -16.54 0.02
C ASP B 20 3.74 -16.45 1.45
N PHE B 21 3.52 -17.60 2.09
CA PHE B 21 3.07 -17.66 3.49
C PHE B 21 4.24 -17.95 4.43
N HIS B 22 4.23 -17.32 5.60
CA HIS B 22 5.18 -17.68 6.65
C HIS B 22 4.68 -18.95 7.32
N PRO B 23 5.58 -19.91 7.60
CA PRO B 23 5.12 -21.18 8.16
C PRO B 23 4.58 -21.07 9.59
N THR B 24 5.29 -20.35 10.46
CA THR B 24 4.94 -20.36 11.88
C THR B 24 4.27 -19.08 12.38
N GLU B 25 4.36 -18.00 11.59
CA GLU B 25 3.66 -16.76 11.91
C GLU B 25 2.53 -16.56 10.90
N PRO B 26 1.46 -15.87 11.30
CA PRO B 26 0.31 -15.68 10.39
C PRO B 26 0.54 -14.55 9.39
N TRP B 27 1.64 -14.62 8.64
CA TRP B 27 2.01 -13.57 7.70
C TRP B 27 1.91 -14.00 6.25
N VAL B 28 1.66 -13.02 5.38
CA VAL B 28 1.80 -13.24 3.94
C VAL B 28 2.71 -12.17 3.36
N LEU B 29 3.61 -12.58 2.47
CA LEU B 29 4.48 -11.67 1.75
C LEU B 29 3.93 -11.45 0.35
N THR B 30 3.83 -10.20 -0.07
CA THR B 30 3.52 -9.88 -1.46
C THR B 30 4.69 -9.12 -2.10
N THR B 31 4.96 -9.40 -3.36
CA THR B 31 5.98 -8.66 -4.11
C THR B 31 5.32 -8.04 -5.33
N LEU B 32 5.56 -6.74 -5.53
CA LEU B 32 4.74 -6.00 -6.50
C LEU B 32 5.49 -5.55 -7.75
N TYR B 33 4.72 -5.29 -8.80
CA TYR B 33 5.25 -4.80 -10.07
C TYR B 33 5.92 -3.43 -9.89
N SER B 34 5.61 -2.78 -8.78
CA SER B 34 6.08 -1.43 -8.48
C SER B 34 7.47 -1.39 -7.83
N GLY B 35 8.00 -2.54 -7.46
CA GLY B 35 9.30 -2.60 -6.81
C GLY B 35 9.16 -2.70 -5.30
N ARG B 36 7.92 -2.65 -4.84
CA ARG B 36 7.61 -2.70 -3.42
C ARG B 36 7.28 -4.13 -2.98
N VAL B 37 7.63 -4.46 -1.73
CA VAL B 37 7.21 -5.72 -1.11
C VAL B 37 6.54 -5.42 0.23
N GLU B 38 5.58 -6.27 0.61
CA GLU B 38 4.80 -6.07 1.83
C GLU B 38 4.65 -7.36 2.61
N ILE B 39 4.73 -7.27 3.93
CA ILE B 39 4.44 -8.41 4.81
C ILE B 39 3.27 -8.05 5.70
N TRP B 40 2.15 -8.76 5.53
CA TRP B 40 0.94 -8.55 6.32
C TRP B 40 0.66 -9.71 7.25
N ASN B 41 0.30 -9.40 8.50
CA ASN B 41 -0.32 -10.39 9.38
C ASN B 41 -1.80 -10.43 9.04
N TYR B 42 -2.25 -11.53 8.44
CA TYR B 42 -3.62 -11.61 7.93
C TYR B 42 -4.65 -11.97 9.01
N GLU B 43 -4.18 -12.40 10.19
CA GLU B 43 -5.09 -12.72 11.29
C GLU B 43 -5.34 -11.52 12.19
N THR B 44 -4.29 -10.73 12.44
CA THR B 44 -4.44 -9.50 13.21
C THR B 44 -4.53 -8.27 12.30
N GLN B 45 -4.44 -8.50 10.99
CA GLN B 45 -4.72 -7.48 9.98
C GLN B 45 -3.76 -6.28 9.94
N VAL B 46 -2.50 -6.48 10.28
CA VAL B 46 -1.56 -5.36 10.25
C VAL B 46 -0.28 -5.62 9.47
N GLU B 47 0.26 -4.54 8.92
CA GLU B 47 1.47 -4.58 8.13
C GLU B 47 2.68 -4.75 9.05
N VAL B 48 3.32 -5.91 8.94
CA VAL B 48 4.48 -6.25 9.75
C VAL B 48 5.66 -5.40 9.32
N ARG B 49 5.92 -5.41 8.01
CA ARG B 49 6.99 -4.61 7.42
C ARG B 49 6.75 -4.43 5.93
N SER B 50 7.21 -3.31 5.38
CA SER B 50 7.21 -3.07 3.94
C SER B 50 8.49 -2.37 3.49
N ILE B 51 8.93 -2.69 2.26
CA ILE B 51 10.17 -2.16 1.71
C ILE B 51 10.01 -1.76 0.24
N GLN B 52 10.48 -0.56 -0.10
CA GLN B 52 10.65 -0.18 -1.51
C GLN B 52 12.00 -0.73 -1.92
N VAL B 53 12.00 -1.90 -2.55
CA VAL B 53 13.23 -2.63 -2.84
C VAL B 53 13.97 -2.05 -4.05
N THR B 54 13.20 -1.70 -5.06
CA THR B 54 13.74 -1.26 -6.34
C THR B 54 12.64 -0.52 -7.10
N GLU B 55 12.93 -0.05 -8.31
CA GLU B 55 11.91 0.64 -9.10
C GLU B 55 11.35 -0.24 -10.21
N THR B 56 11.95 -1.43 -10.35
CA THR B 56 11.54 -2.42 -11.36
C THR B 56 10.62 -3.46 -10.69
N PRO B 57 9.89 -4.25 -11.50
CA PRO B 57 9.04 -5.28 -10.90
C PRO B 57 9.84 -6.31 -10.10
N VAL B 58 9.26 -6.72 -8.98
CA VAL B 58 9.78 -7.82 -8.18
C VAL B 58 8.84 -9.01 -8.38
N ARG B 59 9.25 -9.97 -9.23
CA ARG B 59 8.36 -11.07 -9.61
C ARG B 59 8.40 -12.26 -8.67
N ALA B 60 9.47 -12.36 -7.87
CA ALA B 60 9.67 -13.53 -7.03
C ALA B 60 9.96 -13.12 -5.61
N GLY B 61 9.35 -13.80 -4.66
CA GLY B 61 9.58 -13.54 -3.25
C GLY B 61 9.24 -14.74 -2.39
N LYS B 62 10.14 -15.10 -1.48
CA LYS B 62 9.87 -16.20 -0.55
C LYS B 62 10.39 -15.86 0.84
N PHE B 63 9.75 -16.41 1.86
CA PHE B 63 10.30 -16.37 3.21
C PHE B 63 11.39 -17.44 3.34
N ILE B 64 12.41 -17.12 4.14
CA ILE B 64 13.33 -18.12 4.65
C ILE B 64 13.22 -18.01 6.17
N ALA B 65 12.20 -18.67 6.72
CA ALA B 65 11.85 -18.53 8.13
C ALA B 65 12.99 -18.95 9.05
N ARG B 66 13.69 -19.99 8.61
CA ARG B 66 14.92 -20.49 9.20
C ARG B 66 15.84 -19.37 9.66
N LYS B 67 15.95 -18.35 8.83
CA LYS B 67 16.96 -17.32 8.99
C LYS B 67 16.35 -15.95 9.28
N ASN B 68 15.04 -15.91 9.49
CA ASN B 68 14.32 -14.66 9.64
C ASN B 68 14.49 -13.71 8.45
N TRP B 69 14.49 -14.28 7.25
CA TRP B 69 14.72 -13.52 6.02
C TRP B 69 13.53 -13.55 5.06
N ILE B 70 13.49 -12.56 4.18
CA ILE B 70 12.80 -12.72 2.90
C ILE B 70 13.84 -12.62 1.80
N ILE B 71 13.62 -13.36 0.71
CA ILE B 71 14.48 -13.29 -0.47
C ILE B 71 13.61 -12.91 -1.66
N VAL B 72 14.06 -11.90 -2.41
CA VAL B 72 13.29 -11.39 -3.53
C VAL B 72 14.16 -11.28 -4.80
N GLY B 73 13.51 -11.40 -5.96
CA GLY B 73 14.20 -11.28 -7.24
C GLY B 73 13.46 -10.33 -8.15
N SER B 74 14.20 -9.46 -8.85
CA SER B 74 13.57 -8.39 -9.62
C SER B 74 14.07 -8.26 -11.06
N ASP B 75 13.39 -7.42 -11.84
CA ASP B 75 13.72 -7.20 -13.24
C ASP B 75 15.03 -6.45 -13.45
N ASP B 76 15.54 -5.85 -12.38
CA ASP B 76 16.85 -5.20 -12.44
C ASP B 76 18.01 -6.20 -12.31
N PHE B 77 17.67 -7.49 -12.40
CA PHE B 77 18.63 -8.62 -12.47
C PHE B 77 19.11 -9.06 -11.11
N ARG B 78 18.53 -8.51 -10.05
CA ARG B 78 19.12 -8.64 -8.73
C ARG B 78 18.37 -9.55 -7.77
N ILE B 79 19.13 -10.34 -7.01
CA ILE B 79 18.58 -11.04 -5.86
C ILE B 79 18.94 -10.27 -4.60
N ARG B 80 17.94 -10.00 -3.77
CA ARG B 80 18.15 -9.30 -2.51
C ARG B 80 17.54 -10.08 -1.36
N VAL B 81 18.18 -10.02 -0.20
CA VAL B 81 17.73 -10.69 1.01
C VAL B 81 17.64 -9.66 2.14
N PHE B 82 16.51 -9.65 2.85
CA PHE B 82 16.28 -8.73 3.96
C PHE B 82 15.88 -9.51 5.21
N ASN B 83 16.36 -9.07 6.37
CA ASN B 83 15.85 -9.57 7.64
C ASN B 83 14.49 -8.93 7.89
N TYR B 84 13.45 -9.72 8.12
CA TYR B 84 12.10 -9.15 8.24
C TYR B 84 11.79 -8.49 9.58
N ASN B 85 12.63 -8.75 10.58
CA ASN B 85 12.42 -8.13 11.88
C ASN B 85 13.06 -6.76 12.01
N THR B 86 14.13 -6.53 11.25
CA THR B 86 14.86 -5.26 11.33
C THR B 86 14.76 -4.44 10.06
N GLY B 87 14.43 -5.09 8.94
CA GLY B 87 14.37 -4.43 7.65
C GLY B 87 15.74 -4.29 6.98
N GLU B 88 16.80 -4.72 7.67
CA GLU B 88 18.15 -4.58 7.15
C GLU B 88 18.39 -5.45 5.93
N LYS B 89 19.03 -4.88 4.91
CA LYS B 89 19.42 -5.67 3.74
C LYS B 89 20.63 -6.56 4.08
N VAL B 90 20.49 -7.85 3.80
CA VAL B 90 21.48 -8.85 4.16
C VAL B 90 22.48 -9.08 3.01
N VAL B 91 21.96 -9.14 1.79
CA VAL B 91 22.80 -9.30 0.62
C VAL B 91 22.08 -8.72 -0.59
N ASP B 92 22.86 -8.36 -1.62
CA ASP B 92 22.33 -7.73 -2.83
C ASP B 92 23.34 -8.03 -3.95
N PHE B 93 22.95 -8.88 -4.89
CA PHE B 93 23.84 -9.23 -5.99
C PHE B 93 23.12 -9.44 -7.32
N GLU B 94 23.80 -9.18 -8.43
CA GLU B 94 23.25 -9.55 -9.73
C GLU B 94 23.35 -11.06 -9.95
N ALA B 95 22.18 -11.68 -10.14
CA ALA B 95 22.08 -13.13 -10.25
C ALA B 95 22.07 -13.58 -11.71
N HIS B 96 21.43 -12.80 -12.56
CA HIS B 96 21.28 -13.14 -13.98
C HIS B 96 21.40 -11.87 -14.81
N PRO B 97 21.78 -11.99 -16.09
CA PRO B 97 21.79 -10.82 -16.97
C PRO B 97 20.41 -10.53 -17.59
N ASP B 98 19.34 -10.97 -16.93
CA ASP B 98 17.97 -10.81 -17.44
C ASP B 98 16.98 -10.99 -16.30
N TYR B 99 15.69 -10.85 -16.59
CA TYR B 99 14.65 -10.91 -15.55
C TYR B 99 14.73 -12.19 -14.72
N ILE B 100 14.47 -12.08 -13.42
CA ILE B 100 14.28 -13.23 -12.55
C ILE B 100 12.79 -13.51 -12.44
N ARG B 101 12.38 -14.72 -12.78
CA ARG B 101 10.97 -15.07 -12.83
C ARG B 101 10.51 -15.80 -11.57
N SER B 102 11.42 -16.53 -10.92
CA SER B 102 11.02 -17.50 -9.90
C SER B 102 12.16 -17.83 -8.96
N ILE B 103 11.82 -18.01 -7.68
CA ILE B 103 12.79 -18.38 -6.66
C ILE B 103 12.22 -19.51 -5.79
N ALA B 104 13.04 -20.55 -5.55
CA ALA B 104 12.67 -21.64 -4.65
C ALA B 104 13.71 -21.82 -3.57
N VAL B 105 13.27 -22.15 -2.36
CA VAL B 105 14.16 -22.34 -1.22
C VAL B 105 14.19 -23.81 -0.80
N HIS B 106 15.38 -24.36 -0.63
CA HIS B 106 15.53 -25.75 -0.22
C HIS B 106 15.05 -25.89 1.23
N PRO B 107 14.32 -26.97 1.54
CA PRO B 107 13.73 -27.10 2.88
C PRO B 107 14.73 -27.33 4.02
N THR B 108 15.88 -27.94 3.75
CA THR B 108 16.82 -28.29 4.82
C THR B 108 18.24 -27.80 4.59
N LYS B 109 18.61 -27.56 3.33
CA LYS B 109 19.95 -27.11 2.98
C LYS B 109 19.93 -25.62 2.62
N PRO B 110 21.08 -24.93 2.78
CA PRO B 110 21.13 -23.49 2.54
C PRO B 110 21.21 -23.14 1.06
N TYR B 111 20.29 -23.69 0.27
CA TYR B 111 20.26 -23.50 -1.18
C TYR B 111 19.04 -22.71 -1.63
N VAL B 112 19.26 -21.82 -2.60
CA VAL B 112 18.18 -21.14 -3.29
C VAL B 112 18.34 -21.34 -4.80
N LEU B 113 17.23 -21.57 -5.49
CA LEU B 113 17.22 -21.67 -6.94
C LEU B 113 16.58 -20.42 -7.50
N SER B 114 17.16 -19.87 -8.56
CA SER B 114 16.50 -18.81 -9.32
C SER B 114 16.37 -19.19 -10.80
N GLY B 115 15.19 -18.93 -11.36
CA GLY B 115 14.93 -19.15 -12.77
C GLY B 115 14.78 -17.82 -13.49
N SER B 116 15.30 -17.74 -14.72
CA SER B 116 15.48 -16.47 -15.41
C SER B 116 15.17 -16.49 -16.91
N ASP B 117 14.95 -15.30 -17.46
CA ASP B 117 14.81 -15.11 -18.90
C ASP B 117 16.12 -15.39 -19.63
N ASP B 118 17.21 -15.50 -18.88
CA ASP B 118 18.53 -15.82 -19.48
C ASP B 118 18.68 -17.30 -19.85
N LEU B 119 17.57 -18.05 -19.76
CA LEU B 119 17.46 -19.45 -20.18
C LEU B 119 17.97 -20.45 -19.13
N THR B 120 18.35 -19.96 -17.96
CA THR B 120 19.01 -20.80 -16.95
C THR B 120 18.29 -20.86 -15.60
N VAL B 121 18.65 -21.88 -14.84
CA VAL B 121 18.39 -21.93 -13.40
C VAL B 121 19.74 -21.87 -12.70
N LYS B 122 19.84 -21.05 -11.65
CA LYS B 122 21.06 -20.99 -10.85
C LYS B 122 20.84 -21.39 -9.40
N LEU B 123 21.84 -22.02 -8.82
CA LEU B 123 21.81 -22.49 -7.44
C LEU B 123 22.80 -21.70 -6.59
N TRP B 124 22.30 -21.09 -5.52
CA TRP B 124 23.12 -20.23 -4.65
C TRP B 124 23.19 -20.85 -3.26
N ASN B 125 24.34 -20.74 -2.61
CA ASN B 125 24.59 -21.33 -1.30
C ASN B 125 24.88 -20.24 -0.27
N TRP B 126 23.97 -20.02 0.66
CA TRP B 126 24.14 -18.90 1.58
C TRP B 126 25.14 -19.18 2.70
N GLU B 127 25.53 -20.44 2.86
CA GLU B 127 26.59 -20.80 3.80
C GLU B 127 27.96 -20.73 3.14
N ASN B 128 27.97 -20.37 1.86
CA ASN B 128 29.20 -20.14 1.12
C ASN B 128 29.19 -18.72 0.55
N ASN B 129 28.72 -17.77 1.36
CA ASN B 129 28.62 -16.36 0.96
C ASN B 129 27.86 -16.15 -0.33
N TRP B 130 26.77 -16.89 -0.49
CA TRP B 130 25.88 -16.79 -1.65
C TRP B 130 26.57 -17.07 -2.96
N ALA B 131 27.62 -17.89 -2.91
CA ALA B 131 28.36 -18.30 -4.10
C ALA B 131 27.45 -19.03 -5.08
N LEU B 132 27.73 -18.86 -6.38
CA LEU B 132 27.05 -19.62 -7.42
C LEU B 132 27.64 -21.02 -7.47
N GLU B 133 26.84 -22.01 -7.07
CA GLU B 133 27.35 -23.39 -7.02
C GLU B 133 27.10 -24.17 -8.29
N GLN B 134 26.03 -23.83 -9.02
CA GLN B 134 25.73 -24.53 -10.26
C GLN B 134 24.81 -23.72 -11.14
N THR B 135 25.02 -23.81 -12.44
CA THR B 135 24.10 -23.26 -13.42
C THR B 135 23.54 -24.40 -14.25
N PHE B 136 22.21 -24.48 -14.35
CA PHE B 136 21.57 -25.56 -15.12
C PHE B 136 21.16 -25.03 -16.48
N GLU B 137 21.82 -25.54 -17.52
CA GLU B 137 21.61 -25.08 -18.88
C GLU B 137 20.92 -26.14 -19.72
N GLY B 138 20.12 -25.70 -20.69
CA GLY B 138 19.39 -26.62 -21.53
C GLY B 138 18.06 -26.08 -22.07
N HIS B 139 17.39 -25.23 -21.28
CA HIS B 139 16.14 -24.64 -21.73
C HIS B 139 16.40 -23.65 -22.86
N GLU B 140 15.37 -23.38 -23.66
CA GLU B 140 15.54 -22.59 -24.87
C GLU B 140 14.64 -21.37 -24.91
N HIS B 141 13.99 -21.08 -23.78
CA HIS B 141 13.20 -19.86 -23.63
C HIS B 141 13.17 -19.51 -22.13
N PHE B 142 12.39 -18.49 -21.76
CA PHE B 142 12.38 -17.99 -20.38
C PHE B 142 11.99 -19.10 -19.41
N VAL B 143 12.79 -19.29 -18.36
CA VAL B 143 12.44 -20.21 -17.28
C VAL B 143 11.48 -19.47 -16.34
N MET B 144 10.23 -19.92 -16.31
CA MET B 144 9.15 -19.20 -15.64
C MET B 144 8.91 -19.61 -14.20
N CYS B 145 9.34 -20.82 -13.84
CA CYS B 145 8.99 -21.38 -12.54
C CYS B 145 9.97 -22.46 -12.13
N VAL B 146 10.42 -22.43 -10.89
CA VAL B 146 11.27 -23.47 -10.32
C VAL B 146 10.68 -23.99 -9.01
N ALA B 147 10.78 -25.30 -8.80
CA ALA B 147 10.22 -25.92 -7.60
C ALA B 147 10.95 -27.19 -7.20
N PHE B 148 11.33 -27.28 -5.93
CA PHE B 148 11.95 -28.49 -5.41
C PHE B 148 10.88 -29.57 -5.27
N ASN B 149 11.27 -30.82 -5.50
CA ASN B 149 10.41 -31.93 -5.15
C ASN B 149 10.39 -32.06 -3.62
N PRO B 150 9.21 -31.84 -2.99
CA PRO B 150 9.22 -31.87 -1.53
C PRO B 150 9.54 -33.25 -0.96
N LYS B 151 9.32 -34.29 -1.77
CA LYS B 151 9.58 -35.66 -1.35
C LYS B 151 11.04 -36.04 -1.60
N ASP B 152 11.73 -35.25 -2.42
CA ASP B 152 13.13 -35.46 -2.70
C ASP B 152 13.74 -34.17 -3.22
N PRO B 153 14.12 -33.28 -2.30
CA PRO B 153 14.61 -31.96 -2.70
C PRO B 153 16.06 -31.98 -3.23
N SER B 154 16.59 -33.16 -3.54
CA SER B 154 17.84 -33.23 -4.28
C SER B 154 17.52 -33.08 -5.76
N THR B 155 16.22 -33.12 -6.08
CA THR B 155 15.74 -32.86 -7.44
C THR B 155 14.79 -31.66 -7.44
N PHE B 156 14.64 -31.04 -8.60
CA PHE B 156 13.72 -29.92 -8.78
C PHE B 156 13.24 -29.86 -10.22
N ALA B 157 12.14 -29.13 -10.44
CA ALA B 157 11.57 -28.96 -11.77
C ALA B 157 11.64 -27.50 -12.21
N SER B 158 11.88 -27.30 -13.50
CA SER B 158 11.78 -26.00 -14.14
C SER B 158 10.74 -26.03 -15.25
N GLY B 159 9.83 -25.05 -15.25
CA GLY B 159 8.84 -24.91 -16.30
C GLY B 159 9.22 -23.73 -17.18
N CYS B 160 9.08 -23.90 -18.49
CA CYS B 160 9.73 -22.98 -19.43
C CYS B 160 8.83 -22.66 -20.62
N LEU B 161 8.97 -21.47 -21.17
CA LEU B 161 8.17 -21.06 -22.33
C LEU B 161 8.56 -21.84 -23.58
N ASP B 162 9.60 -22.67 -23.47
CA ASP B 162 10.00 -23.56 -24.56
C ASP B 162 9.13 -24.83 -24.66
N ARG B 163 8.04 -24.83 -23.90
CA ARG B 163 7.00 -25.87 -23.92
C ARG B 163 7.41 -27.16 -23.20
N THR B 164 8.47 -27.07 -22.40
CA THR B 164 8.92 -28.24 -21.66
C THR B 164 9.00 -27.99 -20.15
N VAL B 165 8.94 -29.07 -19.38
CA VAL B 165 9.42 -29.08 -18.01
C VAL B 165 10.70 -29.92 -17.98
N LYS B 166 11.74 -29.43 -17.33
CA LYS B 166 12.93 -30.24 -17.09
C LYS B 166 13.06 -30.55 -15.60
N VAL B 167 13.42 -31.78 -15.27
CA VAL B 167 13.65 -32.19 -13.90
C VAL B 167 15.13 -32.55 -13.72
N TRP B 168 15.77 -31.92 -12.75
CA TRP B 168 17.22 -31.96 -12.61
C TRP B 168 17.62 -32.54 -11.26
N SER B 169 18.85 -33.04 -11.16
CA SER B 169 19.44 -33.42 -9.88
C SER B 169 20.56 -32.44 -9.54
N LEU B 170 20.59 -32.00 -8.27
CA LEU B 170 21.60 -31.05 -7.82
C LEU B 170 23.04 -31.34 -8.22
N GLY B 171 23.46 -32.60 -8.21
CA GLY B 171 24.84 -32.86 -8.54
C GLY B 171 25.22 -32.84 -10.02
N GLN B 172 24.25 -32.57 -10.90
CA GLN B 172 24.37 -33.05 -12.29
C GLN B 172 23.97 -32.02 -13.34
N SER B 173 24.62 -32.06 -14.50
CA SER B 173 24.55 -30.97 -15.48
C SER B 173 23.45 -31.11 -16.53
N THR B 174 22.87 -32.29 -16.64
CA THR B 174 21.78 -32.49 -17.60
C THR B 174 20.50 -32.94 -16.92
N PRO B 175 19.35 -32.66 -17.52
CA PRO B 175 18.09 -33.06 -16.90
C PRO B 175 18.02 -34.56 -16.72
N ASN B 176 17.40 -35.00 -15.63
CA ASN B 176 17.11 -36.42 -15.49
C ASN B 176 16.12 -36.85 -16.54
N PHE B 177 15.20 -35.94 -16.86
CA PHE B 177 14.27 -36.09 -17.98
C PHE B 177 13.68 -34.73 -18.41
N THR B 178 13.27 -34.67 -19.68
CA THR B 178 12.52 -33.54 -20.21
C THR B 178 11.12 -33.97 -20.60
N LEU B 179 10.14 -33.25 -20.07
CA LEU B 179 8.73 -33.52 -20.34
C LEU B 179 8.28 -32.63 -21.48
N THR B 180 7.89 -33.24 -22.61
CA THR B 180 7.30 -32.48 -23.71
C THR B 180 5.80 -32.36 -23.45
N THR B 181 5.37 -31.15 -23.08
CA THR B 181 4.03 -30.97 -22.52
C THR B 181 2.91 -30.96 -23.55
N GLY B 182 3.22 -30.55 -24.78
CA GLY B 182 2.18 -30.35 -25.77
C GLY B 182 1.36 -29.10 -25.47
N GLN B 183 1.88 -28.28 -24.56
CA GLN B 183 1.28 -26.98 -24.29
C GLN B 183 2.04 -25.94 -25.09
N GLU B 184 1.55 -25.70 -26.31
CA GLU B 184 2.35 -25.06 -27.35
C GLU B 184 2.66 -23.58 -27.15
N ARG B 185 1.99 -22.95 -26.20
CA ARG B 185 2.30 -21.56 -25.88
C ARG B 185 3.21 -21.44 -24.66
N GLY B 186 3.77 -22.58 -24.25
CA GLY B 186 4.73 -22.61 -23.17
C GLY B 186 4.18 -23.08 -21.84
N VAL B 187 5.07 -23.22 -20.86
CA VAL B 187 4.71 -23.57 -19.50
C VAL B 187 5.01 -22.39 -18.58
N ASN B 188 3.99 -21.88 -17.89
CA ASN B 188 4.13 -20.73 -17.00
C ASN B 188 4.45 -21.14 -15.56
N TYR B 189 4.09 -22.38 -15.21
CA TYR B 189 4.13 -22.83 -13.83
C TYR B 189 4.24 -24.34 -13.75
N VAL B 190 4.96 -24.82 -12.73
CA VAL B 190 5.06 -26.25 -12.44
C VAL B 190 5.04 -26.45 -10.93
N ASP B 191 4.33 -27.48 -10.47
CA ASP B 191 4.17 -27.74 -9.04
C ASP B 191 4.13 -29.25 -8.82
N TYR B 192 4.56 -29.68 -7.64
CA TYR B 192 4.53 -31.09 -7.25
C TYR B 192 3.38 -31.37 -6.30
N TYR B 193 2.77 -32.55 -6.45
CA TYR B 193 1.86 -33.07 -5.45
C TYR B 193 2.70 -33.46 -4.24
N PRO B 194 2.34 -32.94 -3.05
CA PRO B 194 3.26 -33.08 -1.90
C PRO B 194 3.28 -34.47 -1.26
N LEU B 195 2.26 -35.28 -1.51
CA LEU B 195 2.09 -36.54 -0.79
C LEU B 195 2.71 -37.77 -1.48
N PRO B 196 3.05 -38.81 -0.70
CA PRO B 196 3.78 -40.00 -1.19
C PRO B 196 3.00 -40.96 -2.09
N ASP B 197 1.68 -40.83 -2.20
CA ASP B 197 0.92 -41.84 -2.92
C ASP B 197 0.86 -41.65 -4.45
N LYS B 198 1.15 -40.43 -4.91
CA LYS B 198 1.15 -40.16 -6.34
C LYS B 198 2.40 -39.39 -6.74
N PRO B 199 3.09 -39.86 -7.80
CA PRO B 199 4.24 -39.14 -8.33
C PRO B 199 3.78 -38.09 -9.33
N TYR B 200 3.00 -37.13 -8.86
CA TYR B 200 2.36 -36.16 -9.74
C TYR B 200 3.04 -34.79 -9.79
N MET B 201 3.03 -34.21 -10.99
CA MET B 201 3.40 -32.82 -11.20
C MET B 201 2.27 -32.16 -11.98
N ILE B 202 2.18 -30.83 -11.92
CA ILE B 202 1.10 -30.12 -12.61
C ILE B 202 1.66 -28.89 -13.34
N THR B 203 1.21 -28.67 -14.58
CA THR B 203 1.66 -27.53 -15.40
C THR B 203 0.52 -26.64 -15.91
N ALA B 204 0.77 -25.34 -15.96
CA ALA B 204 -0.22 -24.37 -16.41
C ALA B 204 0.36 -23.58 -17.58
N SER B 205 -0.49 -23.23 -18.56
CA SER B 205 -0.02 -22.67 -19.83
C SER B 205 -0.87 -21.52 -20.36
N ASP B 206 -0.26 -20.68 -21.21
CA ASP B 206 -1.01 -19.67 -21.95
C ASP B 206 -1.99 -20.30 -22.95
N ASP B 207 -1.86 -21.60 -23.20
CA ASP B 207 -2.79 -22.26 -24.13
C ASP B 207 -4.13 -22.61 -23.47
N LEU B 208 -4.33 -22.06 -22.28
CA LEU B 208 -5.57 -22.18 -21.49
C LEU B 208 -5.72 -23.52 -20.79
N THR B 209 -4.71 -24.39 -20.89
CA THR B 209 -4.82 -25.72 -20.27
C THR B 209 -3.97 -25.90 -19.02
N ILE B 210 -4.40 -26.86 -18.21
CA ILE B 210 -3.64 -27.33 -17.06
C ILE B 210 -3.46 -28.84 -17.27
N LYS B 211 -2.24 -29.34 -17.10
CA LYS B 211 -1.99 -30.77 -17.29
C LYS B 211 -1.38 -31.43 -16.05
N ILE B 212 -1.82 -32.64 -15.77
CA ILE B 212 -1.31 -33.43 -14.65
C ILE B 212 -0.36 -34.49 -15.22
N TRP B 213 0.78 -34.69 -14.58
CA TRP B 213 1.80 -35.61 -15.09
C TRP B 213 2.24 -36.63 -14.06
N ASP B 214 2.46 -37.87 -14.52
CA ASP B 214 3.11 -38.89 -13.70
C ASP B 214 4.60 -38.79 -14.01
N TYR B 215 5.42 -38.43 -13.03
CA TYR B 215 6.84 -38.18 -13.31
C TYR B 215 7.69 -39.44 -13.38
N GLN B 216 7.08 -40.59 -13.15
CA GLN B 216 7.79 -41.85 -13.31
C GLN B 216 7.63 -42.43 -14.71
N THR B 217 6.42 -42.38 -15.26
CA THR B 217 6.17 -42.84 -16.63
C THR B 217 6.26 -41.70 -17.64
N LYS B 218 6.25 -40.47 -17.15
CA LYS B 218 6.26 -39.26 -17.99
C LYS B 218 4.97 -39.10 -18.83
N SER B 219 3.87 -39.72 -18.38
CA SER B 219 2.60 -39.68 -19.10
C SER B 219 1.73 -38.55 -18.61
N CYS B 220 0.86 -38.04 -19.49
CA CYS B 220 -0.18 -37.09 -19.07
C CYS B 220 -1.36 -37.88 -18.49
N VAL B 221 -1.69 -37.59 -17.24
CA VAL B 221 -2.81 -38.22 -16.53
C VAL B 221 -4.15 -37.54 -16.88
N ALA B 222 -4.13 -36.22 -16.95
CA ALA B 222 -5.35 -35.46 -17.19
C ALA B 222 -5.06 -34.09 -17.76
N THR B 223 -6.03 -33.54 -18.47
CA THR B 223 -5.97 -32.17 -18.95
C THR B 223 -7.20 -31.45 -18.42
N LEU B 224 -6.97 -30.36 -17.69
CA LEU B 224 -8.04 -29.61 -17.05
C LEU B 224 -8.37 -28.37 -17.88
N GLU B 225 -9.59 -28.30 -18.39
CA GLU B 225 -10.02 -27.18 -19.24
C GLU B 225 -11.14 -26.38 -18.56
N GLY B 226 -11.12 -25.07 -18.75
CA GLY B 226 -12.18 -24.23 -18.20
C GLY B 226 -11.82 -22.76 -18.19
N HIS B 227 -10.54 -22.46 -18.00
CA HIS B 227 -10.10 -21.07 -18.03
C HIS B 227 -10.24 -20.51 -19.44
N MET B 228 -10.51 -19.21 -19.52
CA MET B 228 -10.76 -18.53 -20.79
C MET B 228 -9.63 -17.59 -21.18
N SER B 229 -8.61 -17.50 -20.33
CA SER B 229 -7.42 -16.74 -20.66
C SER B 229 -6.20 -17.42 -20.04
N ASN B 230 -5.00 -16.88 -20.29
CA ASN B 230 -3.76 -17.46 -19.80
C ASN B 230 -3.85 -17.98 -18.37
N VAL B 231 -3.47 -19.24 -18.15
CA VAL B 231 -3.44 -19.78 -16.80
C VAL B 231 -2.08 -19.46 -16.16
N SER B 232 -2.11 -18.67 -15.09
CA SER B 232 -0.88 -18.19 -14.46
C SER B 232 -0.22 -19.23 -13.56
N PHE B 233 -1.04 -20.12 -13.00
CA PHE B 233 -0.57 -21.10 -12.04
C PHE B 233 -1.60 -22.19 -11.82
N ALA B 234 -1.13 -23.34 -11.34
CA ALA B 234 -1.99 -24.41 -10.87
C ALA B 234 -1.19 -25.21 -9.86
N VAL B 235 -1.79 -25.46 -8.70
CA VAL B 235 -1.10 -26.16 -7.63
C VAL B 235 -1.99 -27.20 -6.97
N PHE B 236 -1.36 -28.22 -6.40
CA PHE B 236 -2.05 -29.16 -5.53
C PHE B 236 -2.12 -28.55 -4.13
N HIS B 237 -3.28 -28.65 -3.48
CA HIS B 237 -3.36 -28.22 -2.11
C HIS B 237 -2.67 -29.26 -1.24
N PRO B 238 -1.94 -28.81 -0.20
CA PRO B 238 -1.17 -29.73 0.65
C PRO B 238 -2.01 -30.68 1.51
N THR B 239 -3.24 -30.31 1.84
CA THR B 239 -4.07 -31.14 2.74
C THR B 239 -5.41 -31.59 2.15
N LEU B 240 -5.95 -30.82 1.23
CA LEU B 240 -7.29 -31.07 0.68
C LEU B 240 -7.18 -31.70 -0.70
N PRO B 241 -8.15 -32.56 -1.06
CA PRO B 241 -8.11 -33.25 -2.35
C PRO B 241 -8.55 -32.34 -3.47
N ILE B 242 -7.86 -31.20 -3.62
CA ILE B 242 -8.22 -30.23 -4.64
C ILE B 242 -7.00 -29.65 -5.34
N ILE B 243 -7.23 -29.09 -6.52
CA ILE B 243 -6.24 -28.33 -7.26
C ILE B 243 -6.76 -26.90 -7.36
N ILE B 244 -5.85 -25.92 -7.21
CA ILE B 244 -6.22 -24.51 -7.31
C ILE B 244 -5.48 -23.84 -8.46
N SER B 245 -6.22 -23.19 -9.35
CA SER B 245 -5.62 -22.47 -10.45
C SER B 245 -6.08 -21.03 -10.50
N GLY B 246 -5.33 -20.22 -11.23
CA GLY B 246 -5.63 -18.81 -11.38
C GLY B 246 -5.22 -18.35 -12.76
N SER B 247 -5.94 -17.38 -13.29
CA SER B 247 -5.87 -17.07 -14.70
C SER B 247 -5.99 -15.57 -14.95
N GLU B 248 -5.56 -15.13 -16.12
CA GLU B 248 -5.79 -13.75 -16.54
C GLU B 248 -7.25 -13.50 -16.90
N ASP B 249 -8.10 -14.53 -16.82
CA ASP B 249 -9.55 -14.34 -16.96
C ASP B 249 -10.17 -13.78 -15.68
N GLY B 250 -9.32 -13.58 -14.67
CA GLY B 250 -9.73 -12.96 -13.41
C GLY B 250 -10.28 -13.93 -12.40
N THR B 251 -10.23 -15.22 -12.69
CA THR B 251 -10.80 -16.21 -11.77
C THR B 251 -9.77 -17.09 -11.09
N LEU B 252 -10.16 -17.56 -9.91
CA LEU B 252 -9.56 -18.71 -9.27
C LEU B 252 -10.51 -19.89 -9.52
N LYS B 253 -9.96 -21.06 -9.82
CA LYS B 253 -10.79 -22.26 -9.91
C LYS B 253 -10.31 -23.32 -8.94
N ILE B 254 -11.27 -23.99 -8.30
CA ILE B 254 -10.97 -25.10 -7.41
C ILE B 254 -11.43 -26.37 -8.12
N TRP B 255 -10.51 -27.31 -8.35
CA TRP B 255 -10.83 -28.55 -9.06
C TRP B 255 -10.74 -29.74 -8.12
N ASN B 256 -11.64 -30.71 -8.28
CA ASN B 256 -11.55 -31.98 -7.55
C ASN B 256 -10.31 -32.75 -8.04
N SER B 257 -9.43 -33.14 -7.13
CA SER B 257 -8.16 -33.74 -7.55
C SER B 257 -8.27 -35.21 -7.90
N SER B 258 -9.48 -35.76 -7.73
CA SER B 258 -9.70 -37.16 -8.08
C SER B 258 -10.40 -37.29 -9.43
N THR B 259 -11.41 -36.45 -9.64
CA THR B 259 -12.22 -36.48 -10.84
C THR B 259 -11.74 -35.47 -11.88
N TYR B 260 -11.02 -34.46 -11.41
CA TYR B 260 -10.49 -33.38 -12.24
C TYR B 260 -11.58 -32.48 -12.85
N LYS B 261 -12.74 -32.47 -12.19
CA LYS B 261 -13.86 -31.60 -12.56
C LYS B 261 -13.79 -30.34 -11.71
N VAL B 262 -14.16 -29.20 -12.29
CA VAL B 262 -14.20 -27.95 -11.52
C VAL B 262 -15.27 -28.03 -10.43
N GLU B 263 -14.89 -27.64 -9.21
CA GLU B 263 -15.81 -27.62 -8.08
C GLU B 263 -16.35 -26.21 -7.86
N LYS B 264 -15.50 -25.20 -8.01
CA LYS B 264 -15.89 -23.83 -7.74
C LYS B 264 -15.09 -22.84 -8.56
N THR B 265 -15.76 -21.82 -9.09
CA THR B 265 -15.07 -20.73 -9.77
C THR B 265 -15.27 -19.44 -8.99
N LEU B 266 -14.18 -18.76 -8.67
CA LEU B 266 -14.25 -17.54 -7.89
C LEU B 266 -13.77 -16.34 -8.68
N ASN B 267 -14.61 -15.32 -8.78
CA ASN B 267 -14.13 -14.03 -9.25
C ASN B 267 -14.05 -13.08 -8.06
N VAL B 268 -12.88 -13.00 -7.45
CA VAL B 268 -12.66 -12.03 -6.40
C VAL B 268 -12.60 -10.66 -7.09
N GLY B 269 -12.62 -9.59 -6.33
CA GLY B 269 -12.79 -8.29 -6.98
C GLY B 269 -11.61 -7.68 -7.69
N LEU B 270 -10.57 -8.46 -8.01
CA LEU B 270 -9.25 -7.87 -8.26
C LEU B 270 -8.60 -7.97 -9.65
N GLU B 271 -9.40 -8.28 -10.67
CA GLU B 271 -8.90 -8.46 -12.04
C GLU B 271 -7.92 -9.65 -12.19
N ARG B 272 -6.92 -9.54 -13.07
CA ARG B 272 -6.10 -10.72 -13.45
C ARG B 272 -5.31 -11.36 -12.30
N SER B 273 -5.28 -12.70 -12.27
CA SER B 273 -4.58 -13.43 -11.21
C SER B 273 -3.19 -13.83 -11.71
N TRP B 274 -2.17 -13.66 -10.86
CA TRP B 274 -0.76 -13.86 -11.26
C TRP B 274 0.00 -14.92 -10.46
N CYS B 275 -0.36 -15.10 -9.20
CA CYS B 275 0.46 -15.88 -8.28
C CYS B 275 -0.35 -16.51 -7.16
N ILE B 276 0.22 -17.54 -6.54
CA ILE B 276 -0.49 -18.36 -5.56
C ILE B 276 0.44 -18.79 -4.44
N ALA B 277 -0.12 -18.97 -3.25
CA ALA B 277 0.59 -19.57 -2.14
C ALA B 277 -0.40 -20.43 -1.36
N THR B 278 0.08 -21.56 -0.85
CA THR B 278 -0.74 -22.36 0.05
C THR B 278 0.01 -22.42 1.38
N HIS B 279 -0.72 -22.38 2.49
CA HIS B 279 -0.07 -22.41 3.79
C HIS B 279 0.61 -23.76 3.98
N PRO B 280 1.90 -23.75 4.38
CA PRO B 280 2.60 -25.01 4.60
C PRO B 280 2.15 -25.65 5.91
N GLY B 282 -0.50 -27.10 6.56
CA GLY B 282 -1.56 -26.38 5.89
C GLY B 282 -2.68 -26.04 6.84
N ARG B 283 -2.55 -24.89 7.50
CA ARG B 283 -3.46 -24.43 8.56
C ARG B 283 -4.92 -24.32 8.13
N LYS B 284 -5.62 -23.30 8.62
CA LYS B 284 -7.04 -23.06 8.31
C LYS B 284 -7.38 -23.17 6.81
N ASN B 285 -6.78 -24.16 6.15
CA ASN B 285 -6.78 -24.31 4.71
C ASN B 285 -6.61 -22.98 3.99
N TYR B 286 -5.69 -22.17 4.53
CA TYR B 286 -5.37 -20.87 3.96
C TYR B 286 -4.71 -21.01 2.60
N ILE B 287 -5.17 -20.20 1.66
CA ILE B 287 -4.48 -19.99 0.40
C ILE B 287 -4.48 -18.49 0.19
N ALA B 288 -3.58 -18.02 -0.68
CA ALA B 288 -3.51 -16.60 -1.00
C ALA B 288 -3.15 -16.44 -2.47
N SER B 289 -3.69 -15.41 -3.11
CA SER B 289 -3.40 -15.16 -4.51
C SER B 289 -3.20 -13.66 -4.75
N GLY B 290 -2.27 -13.34 -5.63
CA GLY B 290 -2.00 -11.95 -5.98
C GLY B 290 -2.54 -11.64 -7.35
N PHE B 291 -3.02 -10.41 -7.50
CA PHE B 291 -3.77 -9.99 -8.68
C PHE B 291 -3.30 -8.61 -9.13
N ASP B 292 -3.81 -8.17 -10.28
CA ASP B 292 -3.61 -6.79 -10.74
C ASP B 292 -3.81 -5.74 -9.66
N ASN B 293 -4.82 -5.93 -8.80
CA ASN B 293 -5.24 -4.87 -7.88
C ASN B 293 -5.09 -5.15 -6.40
N GLY B 294 -4.38 -6.22 -6.06
CA GLY B 294 -4.15 -6.55 -4.67
C GLY B 294 -4.04 -8.04 -4.45
N PHE B 295 -4.30 -8.46 -3.22
CA PHE B 295 -4.21 -9.87 -2.87
C PHE B 295 -5.39 -10.22 -2.00
N THR B 296 -5.68 -11.51 -1.91
CA THR B 296 -6.67 -12.01 -0.98
C THR B 296 -6.13 -13.25 -0.29
N VAL B 297 -6.53 -13.42 0.97
CA VAL B 297 -6.18 -14.60 1.73
C VAL B 297 -7.51 -15.26 2.09
N LEU B 298 -7.65 -16.51 1.67
CA LEU B 298 -8.91 -17.22 1.82
C LEU B 298 -8.73 -18.43 2.72
N SER B 299 -9.71 -18.69 3.56
CA SER B 299 -9.81 -19.95 4.28
C SER B 299 -10.78 -20.81 3.50
N LEU B 300 -10.34 -21.99 3.08
CA LEU B 300 -11.17 -22.86 2.24
C LEU B 300 -12.12 -23.71 3.07
N GLY B 301 -11.77 -23.94 4.33
CA GLY B 301 -12.58 -24.73 5.24
C GLY B 301 -11.89 -25.06 6.54
N LYS C 1 9.33 14.66 22.92
CA LYS C 1 8.68 15.13 21.69
C LYS C 1 7.18 14.94 21.76
N SER C 2 6.45 16.03 21.92
CA SER C 2 4.99 15.98 21.91
C SER C 2 4.49 15.67 20.51
N HIS C 3 3.45 14.84 20.45
CA HIS C 3 2.81 14.50 19.19
C HIS C 3 3.76 13.85 18.20
N GLN C 4 4.55 12.90 18.69
CA GLN C 4 5.44 12.14 17.84
C GLN C 4 4.64 11.26 16.87
N GLU C 5 3.56 10.69 17.37
CA GLU C 5 2.75 9.77 16.57
C GLU C 5 1.97 10.42 15.44
N LYS D 1 9.55 -8.16 -25.43
CA LYS D 1 9.58 -8.98 -24.22
C LYS D 1 8.26 -9.73 -24.02
N SER D 2 8.33 -11.05 -24.03
CA SER D 2 7.15 -11.86 -23.71
C SER D 2 6.91 -11.79 -22.21
N HIS D 3 5.63 -11.80 -21.81
CA HIS D 3 5.25 -11.79 -20.40
C HIS D 3 5.88 -10.64 -19.62
N GLN D 4 5.78 -9.43 -20.17
CA GLN D 4 6.28 -8.24 -19.49
C GLN D 4 5.41 -7.92 -18.28
N GLU D 5 4.10 -8.12 -18.42
CA GLU D 5 3.15 -7.78 -17.38
C GLU D 5 3.25 -8.66 -16.15
#